data_2OCI
#
_entry.id   2OCI
#
_cell.length_a   88.600
_cell.length_b   88.600
_cell.length_c   86.710
_cell.angle_alpha   90.00
_cell.angle_beta   90.00
_cell.angle_gamma   120.00
#
_symmetry.space_group_name_H-M   'P 62'
#
loop_
_entity.id
_entity.type
_entity.pdbx_description
1 polymer 'Valacyclovir hydrolase'
2 non-polymer 'MANGANESE (II) ION'
3 non-polymer 'MAGNESIUM ION'
4 non-polymer L-TYROSINAMIDE
5 water water
#
_entity_poly.entity_id   1
_entity_poly.type   'polypeptide(L)'
_entity_poly.pdbx_seq_one_letter_code
;SVTSAKVAVNGVQLHYQQTGEGDHAVLLLPGMLGSGETDFGPQLKNLNKKLFTVVAWDPRGYGHSRPPDRDFPADFFERD
AKDAVDLMKALKFKKVSLLGWSDGGITALIAAAKYPSYIHKMVIWGANAYVTDEDSMIYEGIRDVSKWSERTRKPLEALY
GYDYFARTCEKWVDGIRQFKHLPDGNICRHLLPRVQCPALIVHGEKDPLVPRFHADFIHKHVKGSRLHLMPEGKHNLHLR
FADEFNKLAEDFLQ
;
_entity_poly.pdbx_strand_id   A
#
# COMPACT_ATOMS: atom_id res chain seq x y z
N SER A 1 -13.87 -17.94 -1.08
CA SER A 1 -14.79 -17.22 -0.16
C SER A 1 -13.97 -16.29 0.74
N VAL A 2 -14.49 -15.09 0.94
CA VAL A 2 -13.83 -14.07 1.74
C VAL A 2 -14.70 -13.62 2.92
N THR A 3 -14.08 -13.42 4.07
CA THR A 3 -14.81 -12.96 5.27
C THR A 3 -14.34 -11.55 5.65
N SER A 4 -15.31 -10.65 5.86
CA SER A 4 -15.03 -9.27 6.26
C SER A 4 -15.38 -9.10 7.73
N ALA A 5 -14.61 -8.28 8.43
CA ALA A 5 -14.84 -8.04 9.85
C ALA A 5 -14.05 -6.83 10.32
N LYS A 6 -14.27 -6.46 11.58
CA LYS A 6 -13.53 -5.35 12.17
C LYS A 6 -12.88 -5.81 13.45
N VAL A 7 -11.74 -5.21 13.78
CA VAL A 7 -11.04 -5.56 15.00
C VAL A 7 -10.51 -4.27 15.60
N ALA A 8 -10.56 -4.17 16.92
CA ALA A 8 -10.11 -2.99 17.63
C ALA A 8 -8.59 -2.91 17.67
N VAL A 9 -8.06 -1.83 17.11
CA VAL A 9 -6.62 -1.60 17.05
C VAL A 9 -6.30 -0.13 17.31
N ASN A 10 -5.47 0.11 18.32
CA ASN A 10 -5.06 1.46 18.66
C ASN A 10 -6.17 2.51 18.69
N GLY A 11 -7.30 2.14 19.29
CA GLY A 11 -8.41 3.07 19.41
C GLY A 11 -9.36 3.17 18.23
N VAL A 12 -9.18 2.35 17.20
CA VAL A 12 -10.06 2.39 16.04
C VAL A 12 -10.52 1.00 15.61
N GLN A 13 -11.72 0.92 15.06
CA GLN A 13 -12.26 -0.35 14.58
C GLN A 13 -11.86 -0.48 13.12
N LEU A 14 -10.81 -1.25 12.86
CA LEU A 14 -10.32 -1.44 11.51
C LEU A 14 -11.02 -2.56 10.76
N HIS A 15 -11.42 -2.29 9.53
CA HIS A 15 -12.08 -3.29 8.71
C HIS A 15 -11.01 -4.06 7.93
N TYR A 16 -11.30 -5.32 7.66
CA TYR A 16 -10.38 -6.16 6.90
C TYR A 16 -11.12 -7.33 6.29
N GLN A 17 -10.51 -7.92 5.26
CA GLN A 17 -11.07 -9.07 4.59
C GLN A 17 -10.02 -10.17 4.73
N GLN A 18 -10.47 -11.41 4.90
CA GLN A 18 -9.54 -12.51 5.07
C GLN A 18 -9.98 -13.75 4.32
N THR A 19 -9.01 -14.48 3.79
CA THR A 19 -9.31 -15.70 3.04
C THR A 19 -8.10 -16.64 3.10
N GLY A 20 -8.32 -17.91 2.77
CA GLY A 20 -7.23 -18.87 2.79
C GLY A 20 -6.98 -19.58 4.10
N GLU A 21 -6.28 -20.72 4.03
CA GLU A 21 -5.97 -21.52 5.22
C GLU A 21 -4.47 -21.77 5.35
N GLY A 22 -3.67 -21.18 4.46
CA GLY A 22 -2.23 -21.39 4.48
C GLY A 22 -1.51 -20.95 5.74
N ASP A 23 -0.32 -21.52 5.98
CA ASP A 23 0.45 -21.18 7.16
C ASP A 23 1.32 -19.92 6.96
N HIS A 24 1.34 -19.39 5.75
CA HIS A 24 2.12 -18.18 5.46
C HIS A 24 1.13 -17.01 5.40
N ALA A 25 1.12 -16.18 6.43
CA ALA A 25 0.21 -15.03 6.49
C ALA A 25 0.69 -13.86 5.67
N VAL A 26 -0.21 -13.30 4.87
CA VAL A 26 0.12 -12.16 4.01
C VAL A 26 -0.88 -11.02 4.18
N LEU A 27 -0.36 -9.81 4.34
CA LEU A 27 -1.21 -8.63 4.48
C LEU A 27 -1.11 -7.81 3.20
N LEU A 28 -2.26 -7.43 2.66
CA LEU A 28 -2.32 -6.62 1.45
C LEU A 28 -2.59 -5.20 1.92
N LEU A 29 -1.66 -4.28 1.62
CA LEU A 29 -1.81 -2.88 2.03
C LEU A 29 -2.18 -1.98 0.84
N PRO A 30 -3.36 -1.37 0.90
CA PRO A 30 -3.87 -0.49 -0.16
C PRO A 30 -3.24 0.90 -0.19
N GLY A 31 -3.41 1.57 -1.32
CA GLY A 31 -2.89 2.90 -1.50
C GLY A 31 -3.85 3.97 -1.00
N MET A 32 -3.60 5.21 -1.41
CA MET A 32 -4.43 6.35 -1.02
C MET A 32 -5.91 6.12 -1.27
N LEU A 33 -6.71 6.29 -0.23
CA LEU A 33 -8.16 6.12 -0.29
C LEU A 33 -8.55 4.69 -0.67
N GLY A 34 -7.59 3.79 -0.68
CA GLY A 34 -7.86 2.40 -1.04
C GLY A 34 -8.46 1.55 0.06
N SER A 35 -8.77 0.30 -0.30
CA SER A 35 -9.36 -0.65 0.62
C SER A 35 -9.22 -2.04 0.01
N GLY A 36 -9.48 -3.07 0.80
CA GLY A 36 -9.40 -4.42 0.29
C GLY A 36 -10.41 -4.61 -0.83
N GLU A 37 -11.58 -4.01 -0.66
CA GLU A 37 -12.66 -4.12 -1.65
C GLU A 37 -12.35 -3.49 -3.01
N THR A 38 -11.69 -2.33 -3.01
CA THR A 38 -11.39 -1.65 -4.27
C THR A 38 -9.98 -1.90 -4.83
N ASP A 39 -9.04 -2.29 -3.98
CA ASP A 39 -7.66 -2.48 -4.42
C ASP A 39 -7.16 -3.92 -4.59
N PHE A 40 -7.81 -4.89 -3.94
CA PHE A 40 -7.29 -6.26 -4.00
C PHE A 40 -8.19 -7.43 -4.37
N GLY A 41 -9.25 -7.18 -5.13
CA GLY A 41 -10.15 -8.25 -5.53
C GLY A 41 -9.45 -9.48 -6.12
N PRO A 42 -8.59 -9.32 -7.15
CA PRO A 42 -7.87 -10.43 -7.78
C PRO A 42 -6.99 -11.26 -6.85
N GLN A 43 -6.35 -10.59 -5.90
CA GLN A 43 -5.47 -11.26 -4.94
C GLN A 43 -6.28 -12.06 -3.90
N LEU A 44 -7.35 -11.47 -3.39
CA LEU A 44 -8.19 -12.15 -2.40
C LEU A 44 -8.87 -13.34 -3.07
N LYS A 45 -9.02 -13.27 -4.38
CA LYS A 45 -9.65 -14.35 -5.11
C LYS A 45 -8.67 -15.45 -5.53
N ASN A 46 -7.56 -15.05 -6.15
CA ASN A 46 -6.61 -16.02 -6.68
C ASN A 46 -5.32 -16.42 -5.96
N LEU A 47 -4.84 -15.64 -4.98
CA LEU A 47 -3.62 -16.05 -4.30
C LEU A 47 -3.89 -17.43 -3.70
N ASN A 48 -2.92 -18.33 -3.83
CA ASN A 48 -3.07 -19.71 -3.33
C ASN A 48 -3.56 -19.81 -1.90
N LYS A 49 -4.79 -20.29 -1.72
CA LYS A 49 -5.40 -20.44 -0.41
C LYS A 49 -4.86 -21.59 0.43
N LYS A 50 -4.08 -22.48 -0.19
CA LYS A 50 -3.49 -23.59 0.54
C LYS A 50 -2.16 -23.13 1.14
N LEU A 51 -1.45 -22.28 0.40
CA LEU A 51 -0.17 -21.78 0.84
C LEU A 51 -0.26 -20.58 1.77
N PHE A 52 -1.22 -19.71 1.52
CA PHE A 52 -1.34 -18.50 2.34
C PHE A 52 -2.69 -18.26 2.99
N THR A 53 -2.66 -17.35 3.95
CA THR A 53 -3.84 -16.86 4.65
C THR A 53 -3.65 -15.39 4.31
N VAL A 54 -4.56 -14.86 3.50
CA VAL A 54 -4.48 -13.49 3.04
C VAL A 54 -5.44 -12.55 3.76
N VAL A 55 -4.91 -11.39 4.17
CA VAL A 55 -5.69 -10.37 4.85
C VAL A 55 -5.50 -9.05 4.12
N ALA A 56 -6.60 -8.37 3.81
CA ALA A 56 -6.55 -7.07 3.15
C ALA A 56 -7.20 -6.10 4.14
N TRP A 57 -6.45 -5.11 4.64
CA TRP A 57 -6.98 -4.17 5.62
C TRP A 57 -7.32 -2.80 5.04
N ASP A 58 -8.12 -2.05 5.78
CA ASP A 58 -8.51 -0.69 5.38
C ASP A 58 -7.89 0.26 6.39
N PRO A 59 -6.94 1.11 5.96
CA PRO A 59 -6.32 2.05 6.90
C PRO A 59 -7.40 2.91 7.56
N ARG A 60 -7.13 3.42 8.75
CA ARG A 60 -8.13 4.25 9.44
C ARG A 60 -8.55 5.40 8.54
N GLY A 61 -9.87 5.60 8.42
CA GLY A 61 -10.38 6.68 7.59
C GLY A 61 -10.60 6.27 6.13
N TYR A 62 -10.11 5.09 5.75
CA TYR A 62 -10.25 4.58 4.39
C TYR A 62 -11.19 3.38 4.41
N GLY A 63 -11.70 3.01 3.25
CA GLY A 63 -12.58 1.86 3.16
C GLY A 63 -13.69 1.91 4.18
N HIS A 64 -13.82 0.84 4.95
CA HIS A 64 -14.87 0.74 5.95
C HIS A 64 -14.37 0.98 7.37
N SER A 65 -13.14 1.48 7.50
CA SER A 65 -12.58 1.77 8.81
C SER A 65 -12.98 3.19 9.16
N ARG A 66 -14.29 3.45 9.11
CA ARG A 66 -14.85 4.76 9.42
C ARG A 66 -16.06 4.55 10.32
N PRO A 67 -16.15 5.32 11.43
CA PRO A 67 -15.17 6.33 11.83
C PRO A 67 -13.86 5.67 12.23
N PRO A 68 -12.80 6.47 12.40
CA PRO A 68 -12.80 7.92 12.22
C PRO A 68 -12.70 8.34 10.77
N ASP A 69 -12.70 9.65 10.54
CA ASP A 69 -12.52 10.17 9.20
C ASP A 69 -11.02 10.29 9.06
N ARG A 70 -10.54 10.30 7.82
CA ARG A 70 -9.11 10.36 7.54
C ARG A 70 -8.48 11.74 7.75
N ASP A 71 -7.30 11.75 8.35
CA ASP A 71 -6.55 12.99 8.54
C ASP A 71 -5.10 12.63 8.25
N PHE A 72 -4.29 13.62 7.88
CA PHE A 72 -2.90 13.34 7.55
C PHE A 72 -1.83 14.06 8.34
N PRO A 73 -1.54 13.59 9.57
CA PRO A 73 -0.51 14.25 10.36
C PRO A 73 0.85 13.95 9.72
N ALA A 74 1.88 14.70 10.10
CA ALA A 74 3.21 14.51 9.54
C ALA A 74 3.68 13.04 9.55
N ASP A 75 3.26 12.29 10.56
CA ASP A 75 3.66 10.88 10.66
C ASP A 75 2.59 9.91 10.22
N PHE A 76 1.69 10.32 9.33
CA PHE A 76 0.60 9.42 8.94
C PHE A 76 1.01 8.08 8.35
N PHE A 77 2.14 8.01 7.66
CA PHE A 77 2.58 6.72 7.12
C PHE A 77 3.03 5.81 8.26
N GLU A 78 3.70 6.38 9.24
CA GLU A 78 4.17 5.61 10.38
C GLU A 78 2.99 5.13 11.23
N ARG A 79 1.96 5.96 11.33
CA ARG A 79 0.77 5.58 12.10
C ARG A 79 0.09 4.40 11.43
N ASP A 80 -0.02 4.44 10.10
CA ASP A 80 -0.62 3.34 9.35
C ASP A 80 0.24 2.08 9.51
N ALA A 81 1.56 2.24 9.46
CA ALA A 81 2.46 1.10 9.59
C ALA A 81 2.26 0.41 10.95
N LYS A 82 2.08 1.19 12.01
CA LYS A 82 1.87 0.63 13.33
C LYS A 82 0.52 -0.08 13.39
N ASP A 83 -0.51 0.56 12.85
CA ASP A 83 -1.86 -0.02 12.83
C ASP A 83 -1.90 -1.35 12.08
N ALA A 84 -1.20 -1.40 10.94
CA ALA A 84 -1.15 -2.59 10.10
C ALA A 84 -0.53 -3.77 10.84
N VAL A 85 0.61 -3.55 11.47
CA VAL A 85 1.26 -4.61 12.22
C VAL A 85 0.44 -4.99 13.45
N ASP A 86 -0.12 -4.00 14.15
CA ASP A 86 -0.93 -4.29 15.32
C ASP A 86 -2.19 -5.06 14.94
N LEU A 87 -2.73 -4.77 13.76
CA LEU A 87 -3.92 -5.47 13.29
C LEU A 87 -3.60 -6.95 13.09
N MET A 88 -2.47 -7.24 12.43
CA MET A 88 -2.13 -8.63 12.20
C MET A 88 -1.82 -9.33 13.53
N LYS A 89 -1.21 -8.61 14.47
CA LYS A 89 -0.92 -9.22 15.76
C LYS A 89 -2.24 -9.49 16.51
N ALA A 90 -3.20 -8.59 16.37
CA ALA A 90 -4.50 -8.76 17.01
C ALA A 90 -5.22 -9.97 16.41
N LEU A 91 -4.91 -10.28 15.15
CA LEU A 91 -5.52 -11.43 14.49
C LEU A 91 -4.75 -12.70 14.77
N LYS A 92 -3.77 -12.60 15.68
CA LYS A 92 -2.97 -13.73 16.14
C LYS A 92 -1.90 -14.31 15.21
N PHE A 93 -1.45 -13.54 14.22
CA PHE A 93 -0.40 -14.03 13.34
C PHE A 93 0.94 -13.75 14.01
N LYS A 94 1.83 -14.74 13.99
CA LYS A 94 3.14 -14.62 14.62
C LYS A 94 4.21 -13.95 13.76
N LYS A 95 3.99 -13.96 12.45
CA LYS A 95 4.89 -13.34 11.49
C LYS A 95 4.11 -13.22 10.20
N VAL A 96 4.38 -12.18 9.43
CA VAL A 96 3.66 -11.98 8.19
C VAL A 96 4.52 -11.42 7.06
N SER A 97 4.02 -11.56 5.83
CA SER A 97 4.69 -11.01 4.68
C SER A 97 3.81 -9.85 4.26
N LEU A 98 4.37 -8.87 3.56
CA LEU A 98 3.60 -7.69 3.15
C LEU A 98 3.59 -7.44 1.65
N LEU A 99 2.40 -7.16 1.12
CA LEU A 99 2.23 -6.81 -0.29
C LEU A 99 1.66 -5.39 -0.23
N GLY A 100 2.50 -4.41 -0.52
CA GLY A 100 2.05 -3.03 -0.45
C GLY A 100 2.02 -2.26 -1.75
N TRP A 101 0.86 -1.67 -2.04
CA TRP A 101 0.68 -0.90 -3.26
C TRP A 101 0.68 0.62 -3.05
N SER A 102 1.58 1.31 -3.73
CA SER A 102 1.65 2.76 -3.68
C SER A 102 1.84 3.26 -2.24
N ASP A 103 0.90 4.04 -1.72
CA ASP A 103 1.02 4.52 -0.35
C ASP A 103 1.17 3.31 0.57
N GLY A 104 0.57 2.18 0.16
CA GLY A 104 0.65 0.96 0.94
C GLY A 104 2.03 0.35 0.89
N GLY A 105 2.75 0.62 -0.20
CA GLY A 105 4.11 0.11 -0.34
C GLY A 105 5.02 0.92 0.56
N ILE A 106 4.75 2.23 0.63
CA ILE A 106 5.51 3.12 1.50
C ILE A 106 5.28 2.62 2.93
N THR A 107 4.01 2.36 3.24
CA THR A 107 3.63 1.88 4.57
C THR A 107 4.32 0.56 4.90
N ALA A 108 4.40 -0.33 3.92
CA ALA A 108 5.03 -1.62 4.10
C ALA A 108 6.52 -1.47 4.39
N LEU A 109 7.19 -0.60 3.63
CA LEU A 109 8.61 -0.36 3.83
C LEU A 109 8.88 0.08 5.27
N ILE A 110 8.05 1.00 5.77
CA ILE A 110 8.18 1.50 7.13
C ILE A 110 7.96 0.39 8.15
N ALA A 111 6.93 -0.43 7.93
CA ALA A 111 6.64 -1.54 8.85
C ALA A 111 7.81 -2.53 8.91
N ALA A 112 8.37 -2.87 7.75
CA ALA A 112 9.49 -3.81 7.73
C ALA A 112 10.70 -3.24 8.47
N ALA A 113 10.93 -1.94 8.34
CA ALA A 113 12.06 -1.31 8.99
C ALA A 113 11.85 -1.13 10.50
N LYS A 114 10.62 -0.88 10.91
CA LYS A 114 10.35 -0.65 12.33
C LYS A 114 10.03 -1.90 13.13
N TYR A 115 9.53 -2.95 12.47
CA TYR A 115 9.19 -4.19 13.14
C TYR A 115 9.81 -5.36 12.35
N PRO A 116 11.14 -5.34 12.18
CA PRO A 116 11.87 -6.38 11.43
C PRO A 116 11.71 -7.81 11.90
N SER A 117 11.47 -8.02 13.18
CA SER A 117 11.34 -9.39 13.69
C SER A 117 9.97 -9.97 13.35
N TYR A 118 9.05 -9.11 12.92
CA TYR A 118 7.69 -9.56 12.59
C TYR A 118 7.43 -9.76 11.10
N ILE A 119 8.28 -9.18 10.25
CA ILE A 119 8.10 -9.29 8.80
C ILE A 119 8.99 -10.34 8.13
N HIS A 120 8.37 -11.27 7.41
CA HIS A 120 9.10 -12.34 6.72
C HIS A 120 9.65 -11.89 5.37
N LYS A 121 8.75 -11.54 4.45
CA LYS A 121 9.11 -11.07 3.12
C LYS A 121 8.20 -9.91 2.72
N MET A 122 8.58 -9.21 1.66
CA MET A 122 7.79 -8.07 1.22
C MET A 122 7.80 -7.86 -0.29
N VAL A 123 6.64 -7.50 -0.83
CA VAL A 123 6.49 -7.21 -2.25
C VAL A 123 5.82 -5.83 -2.32
N ILE A 124 6.50 -4.87 -2.93
CA ILE A 124 5.94 -3.54 -3.04
C ILE A 124 6.02 -3.00 -4.46
N TRP A 125 5.03 -2.20 -4.84
CA TRP A 125 5.02 -1.63 -6.18
C TRP A 125 4.33 -0.27 -6.19
N GLY A 126 4.88 0.64 -6.99
CA GLY A 126 4.31 1.98 -7.09
C GLY A 126 4.63 2.91 -5.94
N ALA A 127 5.58 2.54 -5.09
CA ALA A 127 5.94 3.38 -3.94
C ALA A 127 7.04 4.38 -4.24
N ASN A 128 7.05 5.48 -3.50
CA ASN A 128 8.07 6.50 -3.63
C ASN A 128 8.51 6.89 -2.22
N ALA A 129 9.82 6.83 -1.97
CA ALA A 129 10.36 7.13 -0.65
C ALA A 129 10.57 8.62 -0.33
N TYR A 130 10.32 9.49 -1.32
CA TYR A 130 10.47 10.92 -1.13
C TYR A 130 9.75 11.66 -2.27
N VAL A 131 9.66 12.98 -2.17
CA VAL A 131 8.99 13.77 -3.20
C VAL A 131 9.91 14.79 -3.82
N THR A 132 9.87 14.89 -5.16
CA THR A 132 10.68 15.85 -5.90
C THR A 132 9.77 16.84 -6.62
N ASP A 133 10.36 17.79 -7.33
CA ASP A 133 9.59 18.77 -8.08
C ASP A 133 8.75 18.07 -9.14
N GLU A 134 9.31 17.03 -9.76
CA GLU A 134 8.61 16.28 -10.79
C GLU A 134 7.38 15.60 -10.17
N ASP A 135 7.53 15.15 -8.92
CA ASP A 135 6.44 14.49 -8.22
C ASP A 135 5.35 15.51 -7.87
N SER A 136 5.76 16.71 -7.48
CA SER A 136 4.82 17.76 -7.13
C SER A 136 3.82 18.04 -8.25
N MET A 137 4.31 18.14 -9.48
CA MET A 137 3.42 18.39 -10.61
C MET A 137 2.41 17.27 -10.70
N ILE A 138 2.84 16.05 -10.36
CA ILE A 138 1.96 14.90 -10.42
C ILE A 138 0.86 14.89 -9.36
N TYR A 139 1.22 15.00 -8.08
CA TYR A 139 0.18 14.98 -7.05
C TYR A 139 -0.70 16.22 -7.02
N GLU A 140 -0.16 17.37 -7.40
CA GLU A 140 -0.97 18.59 -7.43
C GLU A 140 -2.01 18.39 -8.54
N GLY A 141 -1.58 17.71 -9.60
CA GLY A 141 -2.46 17.47 -10.74
C GLY A 141 -3.61 16.52 -10.48
N ILE A 142 -3.62 15.84 -9.34
CA ILE A 142 -4.70 14.92 -9.03
C ILE A 142 -5.55 15.37 -7.85
N ARG A 143 -5.24 16.56 -7.32
CA ARG A 143 -6.00 17.10 -6.19
C ARG A 143 -7.49 17.18 -6.46
N ASP A 144 -7.86 17.61 -7.67
CA ASP A 144 -9.27 17.75 -8.05
C ASP A 144 -9.82 16.46 -8.64
N VAL A 145 -10.60 15.72 -7.86
CA VAL A 145 -11.19 14.46 -8.33
C VAL A 145 -12.05 14.65 -9.57
N SER A 146 -12.39 15.90 -9.90
CA SER A 146 -13.22 16.20 -11.06
C SER A 146 -12.51 15.80 -12.34
N LYS A 147 -11.21 16.04 -12.40
CA LYS A 147 -10.42 15.70 -13.58
C LYS A 147 -9.99 14.24 -13.61
N TRP A 148 -10.21 13.54 -12.51
CA TRP A 148 -9.85 12.13 -12.43
C TRP A 148 -10.52 11.33 -13.54
N SER A 149 -9.95 10.16 -13.83
CA SER A 149 -10.49 9.29 -14.86
C SER A 149 -11.89 8.84 -14.43
N GLU A 150 -12.79 8.69 -15.38
CA GLU A 150 -14.16 8.26 -15.09
C GLU A 150 -14.17 6.86 -14.47
N ARG A 151 -13.35 5.98 -15.02
CA ARG A 151 -13.27 4.61 -14.54
C ARG A 151 -12.63 4.50 -13.16
N THR A 152 -11.62 5.32 -12.90
CA THR A 152 -10.92 5.28 -11.61
C THR A 152 -11.70 5.98 -10.49
N ARG A 153 -12.55 6.93 -10.87
CA ARG A 153 -13.33 7.68 -9.88
C ARG A 153 -14.58 6.94 -9.42
N LYS A 154 -15.26 6.28 -10.35
CA LYS A 154 -16.49 5.55 -10.05
C LYS A 154 -16.47 4.68 -8.80
N PRO A 155 -15.47 3.78 -8.67
CA PRO A 155 -15.41 2.92 -7.49
C PRO A 155 -15.23 3.65 -6.15
N LEU A 156 -14.44 4.72 -6.14
CA LEU A 156 -14.22 5.46 -4.90
C LEU A 156 -15.41 6.35 -4.59
N GLU A 157 -16.03 6.90 -5.63
CA GLU A 157 -17.19 7.75 -5.47
C GLU A 157 -18.35 6.91 -4.92
N ALA A 158 -18.41 5.66 -5.36
CA ALA A 158 -19.47 4.75 -4.92
C ALA A 158 -19.27 4.35 -3.46
N LEU A 159 -18.02 4.08 -3.09
CA LEU A 159 -17.69 3.66 -1.73
C LEU A 159 -17.83 4.76 -0.69
N TYR A 160 -17.31 5.94 -1.00
CA TYR A 160 -17.34 7.07 -0.06
C TYR A 160 -18.39 8.14 -0.30
N GLY A 161 -18.84 8.27 -1.55
CA GLY A 161 -19.77 9.33 -1.87
C GLY A 161 -18.85 10.43 -2.36
N TYR A 162 -19.31 11.26 -3.28
CA TYR A 162 -18.46 12.33 -3.81
C TYR A 162 -17.77 13.22 -2.78
N ASP A 163 -18.52 13.77 -1.85
CA ASP A 163 -17.98 14.66 -0.83
C ASP A 163 -16.76 14.16 -0.07
N TYR A 164 -16.90 13.03 0.63
CA TYR A 164 -15.78 12.49 1.40
C TYR A 164 -14.59 12.15 0.50
N PHE A 165 -14.88 11.64 -0.69
CA PHE A 165 -13.86 11.28 -1.65
C PHE A 165 -13.06 12.53 -2.04
N ALA A 166 -13.78 13.54 -2.53
CA ALA A 166 -13.17 14.80 -2.94
C ALA A 166 -12.34 15.44 -1.84
N ARG A 167 -12.95 15.63 -0.67
CA ARG A 167 -12.26 16.26 0.46
C ARG A 167 -11.03 15.50 0.95
N THR A 168 -11.14 14.19 1.06
CA THR A 168 -10.02 13.40 1.55
C THR A 168 -8.87 13.45 0.56
N CYS A 169 -9.20 13.52 -0.73
CA CYS A 169 -8.17 13.60 -1.76
C CYS A 169 -7.41 14.91 -1.61
N GLU A 170 -8.14 15.99 -1.34
CA GLU A 170 -7.53 17.30 -1.14
C GLU A 170 -6.64 17.27 0.09
N LYS A 171 -7.11 16.62 1.15
CA LYS A 171 -6.33 16.53 2.38
C LYS A 171 -5.10 15.66 2.17
N TRP A 172 -5.19 14.68 1.28
CA TRP A 172 -4.05 13.81 1.00
C TRP A 172 -2.96 14.64 0.31
N VAL A 173 -3.36 15.43 -0.68
CA VAL A 173 -2.39 16.26 -1.40
C VAL A 173 -1.74 17.24 -0.42
N ASP A 174 -2.51 17.80 0.50
CA ASP A 174 -1.97 18.74 1.48
C ASP A 174 -0.95 18.02 2.37
N GLY A 175 -1.22 16.76 2.67
CA GLY A 175 -0.31 15.98 3.51
C GLY A 175 1.01 15.73 2.81
N ILE A 176 0.95 15.42 1.51
CA ILE A 176 2.16 15.16 0.73
C ILE A 176 3.00 16.43 0.59
N ARG A 177 2.34 17.56 0.40
CA ARG A 177 3.03 18.83 0.27
C ARG A 177 3.99 19.06 1.44
N GLN A 178 3.57 18.66 2.64
CA GLN A 178 4.39 18.84 3.84
C GLN A 178 5.73 18.11 3.74
N PHE A 179 5.78 17.00 3.01
CA PHE A 179 7.03 16.25 2.89
C PHE A 179 8.03 17.02 2.02
N LYS A 180 7.51 17.81 1.09
CA LYS A 180 8.37 18.58 0.19
C LYS A 180 9.22 19.59 0.95
N HIS A 181 8.72 20.05 2.10
CA HIS A 181 9.41 21.04 2.92
C HIS A 181 10.51 20.45 3.80
N LEU A 182 10.50 19.13 3.97
CA LEU A 182 11.48 18.45 4.80
C LEU A 182 12.80 18.23 4.08
N PRO A 183 13.87 17.98 4.84
CA PRO A 183 15.15 17.74 4.16
C PRO A 183 14.97 16.58 3.19
N ASP A 184 15.55 16.69 2.00
CA ASP A 184 15.47 15.62 1.01
C ASP A 184 14.04 15.25 0.58
N GLY A 185 13.06 16.07 0.97
CA GLY A 185 11.67 15.80 0.63
C GLY A 185 11.31 14.41 1.11
N ASN A 186 11.96 14.02 2.18
CA ASN A 186 11.84 12.70 2.75
C ASN A 186 10.51 12.17 3.25
N ILE A 187 10.25 10.91 2.90
CA ILE A 187 9.06 10.21 3.38
C ILE A 187 9.64 9.04 4.19
N CYS A 188 10.51 8.23 3.57
CA CYS A 188 11.13 7.11 4.27
C CYS A 188 12.51 6.71 3.74
N ARG A 189 13.25 7.66 3.19
CA ARG A 189 14.60 7.38 2.67
C ARG A 189 15.45 6.77 3.78
N HIS A 190 15.31 7.31 4.99
CA HIS A 190 16.11 6.85 6.13
C HIS A 190 15.79 5.45 6.66
N LEU A 191 14.61 4.93 6.31
CA LEU A 191 14.25 3.61 6.79
C LEU A 191 14.62 2.50 5.83
N LEU A 192 14.83 2.84 4.56
CA LEU A 192 15.18 1.82 3.57
C LEU A 192 16.38 0.94 4.01
N PRO A 193 17.49 1.55 4.49
CA PRO A 193 18.64 0.75 4.92
C PRO A 193 18.36 -0.15 6.13
N ARG A 194 17.23 0.08 6.77
CA ARG A 194 16.86 -0.70 7.95
C ARG A 194 15.93 -1.86 7.64
N VAL A 195 15.55 -2.03 6.38
CA VAL A 195 14.70 -3.15 5.98
C VAL A 195 15.64 -4.36 5.98
N GLN A 196 15.31 -5.39 6.73
CA GLN A 196 16.16 -6.57 6.85
C GLN A 196 15.64 -7.82 6.14
N CYS A 197 14.42 -7.75 5.61
CA CYS A 197 13.83 -8.90 4.95
C CYS A 197 13.98 -8.88 3.43
N PRO A 198 13.83 -10.05 2.79
CA PRO A 198 13.93 -10.14 1.34
C PRO A 198 12.79 -9.30 0.76
N ALA A 199 13.11 -8.44 -0.19
CA ALA A 199 12.10 -7.59 -0.81
C ALA A 199 12.12 -7.65 -2.32
N LEU A 200 10.94 -7.59 -2.91
CA LEU A 200 10.78 -7.59 -4.37
C LEU A 200 10.04 -6.29 -4.73
N ILE A 201 10.71 -5.45 -5.50
CA ILE A 201 10.13 -4.19 -5.93
C ILE A 201 9.67 -4.36 -7.37
N VAL A 202 8.37 -4.18 -7.62
CA VAL A 202 7.85 -4.30 -8.98
C VAL A 202 7.50 -2.92 -9.50
N HIS A 203 7.79 -2.67 -10.77
CA HIS A 203 7.48 -1.38 -11.34
C HIS A 203 6.98 -1.51 -12.78
N GLY A 204 5.89 -0.80 -13.08
CA GLY A 204 5.32 -0.80 -14.43
C GLY A 204 6.02 0.32 -15.18
N GLU A 205 6.72 -0.03 -16.25
CA GLU A 205 7.46 0.97 -17.00
C GLU A 205 6.63 2.09 -17.61
N LYS A 206 5.31 1.87 -17.73
CA LYS A 206 4.44 2.91 -18.27
C LYS A 206 3.63 3.59 -17.16
N ASP A 207 4.07 3.41 -15.91
CA ASP A 207 3.42 4.01 -14.75
C ASP A 207 3.46 5.53 -14.94
N PRO A 208 2.29 6.19 -15.05
CA PRO A 208 2.25 7.64 -15.23
C PRO A 208 2.36 8.46 -13.94
N LEU A 209 2.23 7.81 -12.79
CA LEU A 209 2.29 8.53 -11.53
C LEU A 209 3.64 8.50 -10.83
N VAL A 210 4.33 7.36 -10.90
CA VAL A 210 5.62 7.21 -10.24
C VAL A 210 6.75 6.99 -11.23
N PRO A 211 7.63 7.98 -11.40
CA PRO A 211 8.77 7.84 -12.32
C PRO A 211 9.60 6.63 -11.86
N ARG A 212 10.25 5.94 -12.79
CA ARG A 212 11.02 4.77 -12.43
C ARG A 212 12.20 5.04 -11.49
N PHE A 213 12.72 6.26 -11.46
CA PHE A 213 13.86 6.54 -10.58
C PHE A 213 13.52 6.25 -9.11
N HIS A 214 12.23 6.28 -8.77
CA HIS A 214 11.81 5.99 -7.40
C HIS A 214 11.98 4.51 -7.08
N ALA A 215 11.69 3.65 -8.04
CA ALA A 215 11.84 2.21 -7.83
C ALA A 215 13.33 1.88 -7.81
N ASP A 216 14.11 2.56 -8.66
CA ASP A 216 15.55 2.33 -8.70
C ASP A 216 16.18 2.72 -7.36
N PHE A 217 15.69 3.82 -6.77
CA PHE A 217 16.20 4.29 -5.49
C PHE A 217 15.91 3.31 -4.34
N ILE A 218 14.67 2.81 -4.29
CA ILE A 218 14.29 1.86 -3.26
C ILE A 218 15.11 0.59 -3.43
N HIS A 219 15.27 0.15 -4.68
CA HIS A 219 16.06 -1.04 -4.96
C HIS A 219 17.51 -0.83 -4.49
N LYS A 220 18.04 0.34 -4.79
CA LYS A 220 19.41 0.65 -4.40
C LYS A 220 19.68 0.59 -2.91
N HIS A 221 18.75 1.12 -2.12
CA HIS A 221 18.95 1.16 -0.67
C HIS A 221 18.35 0.06 0.20
N VAL A 222 17.53 -0.80 -0.38
CA VAL A 222 16.98 -1.91 0.39
C VAL A 222 17.89 -3.09 0.04
N LYS A 223 18.79 -3.42 0.99
CA LYS A 223 19.76 -4.49 0.81
C LYS A 223 19.13 -5.82 0.43
N GLY A 224 19.75 -6.47 -0.55
CA GLY A 224 19.28 -7.77 -1.00
C GLY A 224 17.99 -7.77 -1.79
N SER A 225 17.44 -6.59 -2.06
CA SER A 225 16.20 -6.49 -2.80
C SER A 225 16.36 -6.82 -4.28
N ARG A 226 15.25 -7.16 -4.91
CA ARG A 226 15.20 -7.48 -6.34
C ARG A 226 14.21 -6.49 -6.95
N LEU A 227 14.49 -6.07 -8.18
CA LEU A 227 13.65 -5.11 -8.89
C LEU A 227 13.14 -5.75 -10.17
N HIS A 228 11.82 -5.83 -10.31
CA HIS A 228 11.21 -6.42 -11.50
C HIS A 228 10.45 -5.38 -12.30
N LEU A 229 10.87 -5.16 -13.54
CA LEU A 229 10.22 -4.19 -14.41
C LEU A 229 9.28 -4.87 -15.40
N MET A 230 8.06 -4.34 -15.49
CA MET A 230 7.04 -4.86 -16.41
C MET A 230 6.87 -3.79 -17.49
N PRO A 231 7.34 -4.07 -18.72
CA PRO A 231 7.25 -3.15 -19.86
C PRO A 231 5.89 -2.51 -20.12
N GLU A 232 4.82 -3.28 -19.99
CA GLU A 232 3.48 -2.75 -20.26
C GLU A 232 2.73 -2.31 -18.99
N GLY A 233 3.29 -2.60 -17.83
CA GLY A 233 2.62 -2.24 -16.60
C GLY A 233 2.49 -0.76 -16.30
N LYS A 234 1.36 -0.37 -15.72
CA LYS A 234 1.14 1.01 -15.33
C LYS A 234 1.10 1.02 -13.80
N HIS A 235 0.41 1.98 -13.20
CA HIS A 235 0.38 2.03 -11.73
C HIS A 235 -0.43 0.89 -11.10
N ASN A 236 -1.50 0.48 -11.77
CA ASN A 236 -2.37 -0.58 -11.28
C ASN A 236 -2.04 -1.96 -11.88
N LEU A 237 -0.75 -2.25 -12.02
CA LEU A 237 -0.34 -3.52 -12.62
C LEU A 237 -0.87 -4.82 -11.97
N HIS A 238 -1.14 -4.80 -10.67
CA HIS A 238 -1.62 -6.00 -10.01
C HIS A 238 -3.09 -6.28 -10.33
N LEU A 239 -3.74 -5.32 -10.99
CA LEU A 239 -5.13 -5.48 -11.37
C LEU A 239 -5.22 -5.73 -12.87
N ARG A 240 -4.49 -4.94 -13.65
CA ARG A 240 -4.48 -5.09 -15.11
C ARG A 240 -3.73 -6.35 -15.53
N PHE A 241 -2.71 -6.72 -14.77
CA PHE A 241 -1.92 -7.93 -15.06
C PHE A 241 -1.89 -8.81 -13.83
N ALA A 242 -3.07 -9.08 -13.26
CA ALA A 242 -3.20 -9.88 -12.04
C ALA A 242 -2.59 -11.27 -12.07
N ASP A 243 -2.82 -12.04 -13.13
CA ASP A 243 -2.27 -13.38 -13.19
C ASP A 243 -0.74 -13.33 -13.21
N GLU A 244 -0.19 -12.41 -13.98
CA GLU A 244 1.26 -12.26 -14.07
C GLU A 244 1.80 -11.82 -12.70
N PHE A 245 1.16 -10.82 -12.11
CA PHE A 245 1.59 -10.31 -10.81
C PHE A 245 1.47 -11.35 -9.71
N ASN A 246 0.31 -12.02 -9.65
CA ASN A 246 0.11 -13.03 -8.62
C ASN A 246 1.16 -14.13 -8.70
N LYS A 247 1.48 -14.55 -9.91
CA LYS A 247 2.49 -15.60 -10.12
C LYS A 247 3.83 -15.09 -9.59
N LEU A 248 4.17 -13.87 -9.97
CA LEU A 248 5.42 -13.24 -9.55
C LEU A 248 5.49 -13.20 -8.02
N ALA A 249 4.42 -12.72 -7.39
CA ALA A 249 4.37 -12.60 -5.93
C ALA A 249 4.42 -13.96 -5.24
N GLU A 250 3.62 -14.91 -5.70
CA GLU A 250 3.60 -16.24 -5.11
C GLU A 250 4.97 -16.91 -5.19
N ASP A 251 5.64 -16.77 -6.33
CA ASP A 251 6.96 -17.37 -6.47
C ASP A 251 7.96 -16.77 -5.49
N PHE A 252 7.92 -15.45 -5.35
CA PHE A 252 8.83 -14.77 -4.44
C PHE A 252 8.60 -15.12 -2.98
N LEU A 253 7.33 -15.17 -2.56
CA LEU A 253 6.98 -15.46 -1.18
C LEU A 253 7.31 -16.86 -0.68
N GLN A 254 7.33 -17.82 -1.60
CA GLN A 254 7.63 -19.20 -1.23
C GLN A 254 9.13 -19.41 -1.04
#